data_4FZQ
#
_entry.id   4FZQ
#
_cell.length_a   114.592
_cell.length_b   114.592
_cell.length_c   128.545
_cell.angle_alpha   90.00
_cell.angle_beta   90.00
_cell.angle_gamma   90.00
#
_symmetry.space_group_name_H-M   'P 41 2 2'
#
loop_
_entity.id
_entity.type
_entity.pdbx_description
1 polymer 'Uncharacterized protein conserved in bacteria'
2 water water
#
_entity_poly.entity_id   1
_entity_poly.type   'polypeptide(L)'
_entity_poly.pdbx_seq_one_letter_code
;SEFTTKERKVEEALPIKEEIRYDASLPLGKSYLLQEGKAGKKVSVYQDVIVDGKVMATNLLSETVVEGQNRILVKGSLE
;
_entity_poly.pdbx_strand_id   A,B,C,D,E,F
#
# COMPACT_ATOMS: atom_id res chain seq x y z
N SER A 1 25.66 33.96 -6.73
CA SER A 1 26.20 32.59 -6.93
C SER A 1 25.65 32.03 -8.24
N GLU A 2 26.44 31.20 -8.92
CA GLU A 2 26.03 30.60 -10.19
C GLU A 2 25.22 29.33 -9.96
N PHE A 3 24.72 28.74 -11.04
CA PHE A 3 23.94 27.53 -10.92
C PHE A 3 24.07 26.65 -12.13
N THR A 4 23.63 25.41 -11.97
CA THR A 4 23.68 24.45 -13.05
C THR A 4 22.44 23.57 -12.96
N THR A 5 22.15 22.84 -14.03
CA THR A 5 20.98 21.98 -14.03
C THR A 5 21.32 20.58 -14.50
N LYS A 6 20.58 19.61 -14.01
CA LYS A 6 20.75 18.22 -14.39
C LYS A 6 19.36 17.59 -14.40
N GLU A 7 19.15 16.65 -15.32
CA GLU A 7 17.87 15.99 -15.44
C GLU A 7 17.90 14.63 -14.76
N ARG A 8 16.77 14.25 -14.17
CA ARG A 8 16.65 12.97 -13.48
C ARG A 8 15.44 12.20 -13.97
N LYS A 9 15.60 10.89 -14.07
CA LYS A 9 14.50 10.05 -14.50
C LYS A 9 14.16 9.16 -13.30
N VAL A 10 12.90 9.14 -12.91
CA VAL A 10 12.44 8.33 -11.79
C VAL A 10 11.34 7.38 -12.29
N GLU A 11 11.56 6.08 -12.11
CA GLU A 11 10.60 5.07 -12.55
C GLU A 11 9.79 4.46 -11.42
N GLU A 12 8.48 4.60 -11.49
CA GLU A 12 7.63 4.01 -10.47
C GLU A 12 6.91 2.80 -11.06
N ALA A 13 7.04 1.64 -10.43
CA ALA A 13 6.37 0.48 -10.96
C ALA A 13 4.90 0.58 -10.65
N LEU A 14 4.07 0.29 -11.64
CA LEU A 14 2.64 0.33 -11.45
C LEU A 14 2.17 -1.01 -10.93
N PRO A 15 1.11 -1.02 -10.13
CA PRO A 15 0.56 -2.26 -9.58
C PRO A 15 0.26 -3.24 -10.73
N ILE A 16 0.63 -4.51 -10.57
CA ILE A 16 0.35 -5.49 -11.61
C ILE A 16 -1.16 -5.66 -11.71
N LYS A 17 -1.70 -5.65 -12.92
CA LYS A 17 -3.13 -5.83 -13.07
C LYS A 17 -3.35 -7.34 -13.19
N GLU A 18 -4.35 -7.87 -12.50
CA GLU A 18 -4.61 -9.30 -12.56
C GLU A 18 -5.99 -9.60 -13.14
N GLU A 19 -6.00 -10.31 -14.26
CA GLU A 19 -7.26 -10.68 -14.88
C GLU A 19 -7.71 -12.04 -14.35
N ILE A 20 -9.00 -12.14 -13.98
CA ILE A 20 -9.54 -13.42 -13.53
C ILE A 20 -10.38 -13.86 -14.71
N ARG A 21 -10.01 -15.02 -15.25
CA ARG A 21 -10.68 -15.56 -16.42
C ARG A 21 -11.30 -16.91 -16.06
N TYR A 22 -12.50 -17.19 -16.60
CA TYR A 22 -13.18 -18.46 -16.32
C TYR A 22 -12.91 -19.49 -17.40
N ASP A 23 -12.69 -20.74 -16.99
CA ASP A 23 -12.47 -21.83 -17.92
C ASP A 23 -13.35 -22.97 -17.44
N ALA A 24 -14.35 -23.33 -18.25
CA ALA A 24 -15.28 -24.39 -17.89
C ALA A 24 -14.60 -25.76 -17.77
N SER A 25 -13.43 -25.90 -18.37
CA SER A 25 -12.67 -27.16 -18.34
C SER A 25 -12.16 -27.50 -16.95
N LEU A 26 -11.73 -26.49 -16.20
CA LEU A 26 -11.20 -26.70 -14.87
C LEU A 26 -12.26 -27.12 -13.86
N PRO A 27 -11.87 -27.88 -12.84
CA PRO A 27 -12.81 -28.31 -11.80
C PRO A 27 -13.34 -27.10 -11.04
N LEU A 28 -13.91 -27.32 -9.87
CA LEU A 28 -14.47 -26.24 -9.07
C LEU A 28 -13.42 -25.34 -8.42
N GLY A 29 -12.55 -25.92 -7.61
CA GLY A 29 -11.53 -25.13 -6.93
C GLY A 29 -10.16 -25.14 -7.59
N LYS A 30 -10.10 -25.60 -8.84
CA LYS A 30 -8.85 -25.67 -9.57
C LYS A 30 -8.61 -24.35 -10.31
N SER A 31 -7.38 -23.87 -10.27
CA SER A 31 -7.03 -22.62 -10.94
C SER A 31 -5.52 -22.52 -11.08
N TYR A 32 -5.09 -21.92 -12.18
CA TYR A 32 -3.66 -21.73 -12.46
C TYR A 32 -3.49 -20.36 -13.11
N LEU A 33 -2.26 -19.87 -13.17
CA LEU A 33 -2.05 -18.58 -13.82
C LEU A 33 -1.64 -18.83 -15.24
N LEU A 34 -2.26 -18.10 -16.16
CA LEU A 34 -1.96 -18.24 -17.58
C LEU A 34 -0.64 -17.53 -17.90
N GLN A 35 -0.38 -16.43 -17.20
CA GLN A 35 0.85 -15.69 -17.38
C GLN A 35 1.05 -14.83 -16.14
N GLU A 36 2.31 -14.63 -15.77
CA GLU A 36 2.62 -13.86 -14.57
C GLU A 36 2.47 -12.36 -14.69
N GLY A 37 2.53 -11.85 -15.91
CA GLY A 37 2.39 -10.42 -16.13
C GLY A 37 3.51 -9.58 -15.56
N LYS A 38 3.84 -8.51 -16.27
CA LYS A 38 4.90 -7.59 -15.87
C LYS A 38 4.30 -6.26 -15.47
N ALA A 39 4.88 -5.64 -14.46
CA ALA A 39 4.41 -4.35 -13.98
C ALA A 39 4.45 -3.26 -15.04
N GLY A 40 3.48 -2.35 -14.98
CA GLY A 40 3.45 -1.23 -15.88
C GLY A 40 4.50 -0.23 -15.40
N LYS A 41 4.56 0.94 -16.03
CA LYS A 41 5.59 1.88 -15.64
C LYS A 41 5.17 3.35 -15.70
N LYS A 42 5.61 4.12 -14.72
CA LYS A 42 5.33 5.55 -14.68
C LYS A 42 6.68 6.22 -14.58
N VAL A 43 7.14 6.80 -15.68
CA VAL A 43 8.44 7.47 -15.71
C VAL A 43 8.32 8.98 -15.70
N SER A 44 8.95 9.61 -14.71
CA SER A 44 8.93 11.05 -14.60
C SER A 44 10.33 11.58 -14.85
N VAL A 45 10.42 12.64 -15.64
CA VAL A 45 11.70 13.27 -15.91
C VAL A 45 11.68 14.58 -15.15
N TYR A 46 12.67 14.79 -14.29
CA TYR A 46 12.74 16.01 -13.50
C TYR A 46 13.95 16.82 -13.88
N GLN A 47 13.94 18.08 -13.45
CA GLN A 47 15.09 18.94 -13.68
C GLN A 47 15.43 19.62 -12.37
N ASP A 48 16.67 19.46 -11.94
CA ASP A 48 17.12 20.04 -10.69
C ASP A 48 18.01 21.24 -10.92
N VAL A 49 17.97 22.19 -10.00
CA VAL A 49 18.85 23.35 -10.09
C VAL A 49 19.87 23.13 -9.00
N ILE A 50 21.15 23.24 -9.34
CA ILE A 50 22.19 23.03 -8.35
C ILE A 50 22.97 24.30 -8.05
N VAL A 51 23.01 24.66 -6.77
CA VAL A 51 23.72 25.85 -6.29
C VAL A 51 24.64 25.45 -5.13
N ASP A 52 25.94 25.42 -5.40
CA ASP A 52 26.95 25.06 -4.40
C ASP A 52 26.87 23.58 -4.08
N GLY A 53 26.65 22.77 -5.11
CA GLY A 53 26.56 21.33 -4.93
C GLY A 53 25.27 20.85 -4.29
N LYS A 54 24.29 21.74 -4.16
CA LYS A 54 23.01 21.37 -3.55
C LYS A 54 21.81 21.56 -4.47
N VAL A 55 20.90 20.58 -4.50
CA VAL A 55 19.70 20.73 -5.31
C VAL A 55 18.83 21.76 -4.61
N MET A 56 18.70 22.94 -5.20
CA MET A 56 17.93 23.99 -4.58
C MET A 56 16.45 23.96 -4.95
N ALA A 57 16.13 23.21 -5.99
CA ALA A 57 14.75 23.12 -6.46
C ALA A 57 14.65 22.17 -7.64
N THR A 58 13.44 21.73 -7.93
CA THR A 58 13.26 20.83 -9.04
C THR A 58 11.90 20.95 -9.71
N ASN A 59 11.91 20.83 -11.02
CA ASN A 59 10.68 20.89 -11.80
C ASN A 59 10.44 19.55 -12.47
N LEU A 60 9.16 19.24 -12.67
CA LEU A 60 8.75 18.02 -13.34
C LEU A 60 8.66 18.39 -14.82
N LEU A 61 9.44 17.73 -15.66
CA LEU A 61 9.43 18.01 -17.08
C LEU A 61 8.39 17.22 -17.86
N SER A 62 8.23 15.94 -17.50
CA SER A 62 7.27 15.07 -18.18
C SER A 62 6.95 13.85 -17.37
N GLU A 63 5.81 13.24 -17.68
CA GLU A 63 5.34 12.06 -16.98
C GLU A 63 4.73 11.11 -18.02
N THR A 64 5.36 9.95 -18.17
CA THR A 64 4.94 8.95 -19.13
C THR A 64 4.43 7.68 -18.45
N VAL A 65 3.23 7.26 -18.79
CA VAL A 65 2.65 6.06 -18.20
C VAL A 65 2.54 4.98 -19.27
N VAL A 66 3.22 3.85 -19.05
CA VAL A 66 3.19 2.75 -19.99
C VAL A 66 2.49 1.52 -19.40
N GLU A 67 1.45 1.04 -20.06
CA GLU A 67 0.72 -0.12 -19.58
C GLU A 67 1.64 -1.33 -19.51
N GLY A 68 1.41 -2.21 -18.56
CA GLY A 68 2.24 -3.39 -18.43
C GLY A 68 1.60 -4.61 -19.05
N GLN A 69 1.99 -5.78 -18.56
CA GLN A 69 1.42 -7.02 -19.05
C GLN A 69 0.59 -7.62 -17.92
N ASN A 70 -0.64 -7.99 -18.23
CA ASN A 70 -1.54 -8.57 -17.22
C ASN A 70 -1.10 -9.92 -16.69
N ARG A 71 -1.41 -10.15 -15.43
CA ARG A 71 -1.17 -11.43 -14.80
C ARG A 71 -2.54 -12.06 -15.05
N ILE A 72 -2.58 -13.27 -15.59
CA ILE A 72 -3.87 -13.88 -15.85
C ILE A 72 -4.11 -15.09 -14.96
N LEU A 73 -5.17 -15.03 -14.16
CA LEU A 73 -5.53 -16.13 -13.29
C LEU A 73 -6.73 -16.83 -13.93
N VAL A 74 -6.61 -18.13 -14.15
CA VAL A 74 -7.69 -18.91 -14.77
C VAL A 74 -8.28 -19.85 -13.72
N LYS A 75 -9.60 -19.78 -13.52
CA LYS A 75 -10.26 -20.63 -12.55
C LYS A 75 -11.51 -21.32 -13.10
N GLY A 76 -12.00 -22.28 -12.33
CA GLY A 76 -13.15 -23.06 -12.74
C GLY A 76 -14.48 -22.56 -12.22
N SER A 77 -14.59 -21.25 -11.99
CA SER A 77 -15.85 -20.68 -11.53
C SER A 77 -15.96 -19.28 -12.12
N LEU A 78 -17.17 -18.74 -12.18
CA LEU A 78 -17.30 -17.40 -12.70
C LEU A 78 -17.73 -16.42 -11.63
N GLU A 79 -16.83 -15.52 -11.25
CA GLU A 79 -17.17 -14.51 -10.26
C GLU A 79 -17.41 -13.21 -11.00
N SER B 1 -24.28 -33.78 43.41
CA SER B 1 -25.15 -32.64 43.04
C SER B 1 -24.43 -31.31 43.24
N GLU B 2 -23.11 -31.37 43.21
CA GLU B 2 -22.26 -30.20 43.33
C GLU B 2 -21.90 -29.90 41.86
N PHE B 3 -21.45 -28.70 41.56
CA PHE B 3 -21.11 -28.39 40.19
C PHE B 3 -19.85 -27.57 40.05
N THR B 4 -19.28 -27.63 38.85
CA THR B 4 -18.08 -26.88 38.53
C THR B 4 -18.40 -26.21 37.21
N THR B 5 -17.60 -25.23 36.85
CA THR B 5 -17.81 -24.48 35.64
C THR B 5 -16.53 -24.55 34.80
N LYS B 6 -16.67 -24.53 33.48
CA LYS B 6 -15.52 -24.58 32.57
C LYS B 6 -15.75 -23.72 31.35
N GLU B 7 -14.68 -23.15 30.81
CA GLU B 7 -14.78 -22.29 29.63
C GLU B 7 -14.13 -22.89 28.40
N ARG B 8 -14.68 -22.57 27.24
CA ARG B 8 -14.18 -23.07 25.97
C ARG B 8 -14.16 -21.97 24.91
N LYS B 9 -13.08 -21.89 24.15
CA LYS B 9 -13.00 -20.90 23.08
C LYS B 9 -13.13 -21.67 21.77
N VAL B 10 -14.09 -21.23 20.96
CA VAL B 10 -14.35 -21.85 19.67
C VAL B 10 -14.17 -20.83 18.55
N GLU B 11 -13.48 -21.25 17.49
CA GLU B 11 -13.22 -20.39 16.35
C GLU B 11 -13.62 -21.00 15.02
N GLU B 12 -14.09 -20.17 14.10
CA GLU B 12 -14.43 -20.64 12.77
C GLU B 12 -14.23 -19.51 11.77
N ALA B 13 -13.61 -19.86 10.64
CA ALA B 13 -13.34 -18.89 9.59
C ALA B 13 -14.65 -18.42 8.97
N LEU B 14 -14.75 -17.13 8.73
CA LEU B 14 -15.96 -16.57 8.12
C LEU B 14 -15.71 -16.54 6.61
N PRO B 15 -16.77 -16.64 5.82
CA PRO B 15 -16.61 -16.62 4.36
C PRO B 15 -16.18 -15.23 3.89
N ILE B 16 -15.26 -15.16 2.94
CA ILE B 16 -14.82 -13.87 2.41
C ILE B 16 -16.00 -13.25 1.66
N LYS B 17 -16.24 -11.97 1.88
CA LYS B 17 -17.32 -11.28 1.18
C LYS B 17 -16.74 -10.73 -0.12
N GLU B 18 -17.49 -10.80 -1.21
CA GLU B 18 -16.99 -10.30 -2.48
C GLU B 18 -17.87 -9.22 -3.09
N GLU B 19 -17.27 -8.05 -3.30
CA GLU B 19 -18.00 -6.95 -3.92
C GLU B 19 -17.71 -6.96 -5.42
N ILE B 20 -18.69 -6.56 -6.21
CA ILE B 20 -18.52 -6.52 -7.64
C ILE B 20 -18.73 -5.10 -8.10
N ARG B 21 -17.76 -4.57 -8.83
CA ARG B 21 -17.89 -3.22 -9.34
C ARG B 21 -17.92 -3.23 -10.85
N TYR B 22 -18.34 -2.13 -11.44
CA TYR B 22 -18.42 -2.05 -12.88
C TYR B 22 -17.69 -0.84 -13.43
N ASP B 23 -17.04 -1.03 -14.57
CA ASP B 23 -16.27 0.04 -15.20
C ASP B 23 -16.64 0.04 -16.69
N ALA B 24 -17.15 1.17 -17.16
CA ALA B 24 -17.57 1.32 -18.55
C ALA B 24 -16.42 1.23 -19.53
N SER B 25 -15.26 1.74 -19.14
CA SER B 25 -14.09 1.72 -20.01
C SER B 25 -13.55 0.32 -20.23
N LEU B 26 -13.76 -0.55 -19.27
CA LEU B 26 -13.27 -1.92 -19.37
C LEU B 26 -14.07 -2.75 -20.36
N PRO B 27 -13.39 -3.64 -21.09
CA PRO B 27 -14.03 -4.50 -22.09
C PRO B 27 -15.13 -5.34 -21.43
N LEU B 28 -16.30 -5.41 -22.07
CA LEU B 28 -17.38 -6.23 -21.53
C LEU B 28 -16.94 -7.68 -21.42
N GLY B 29 -17.16 -8.28 -20.26
CA GLY B 29 -16.78 -9.66 -20.06
C GLY B 29 -15.38 -9.86 -19.52
N LYS B 30 -14.71 -8.77 -19.18
CA LYS B 30 -13.37 -8.87 -18.65
C LYS B 30 -13.42 -8.51 -17.16
N SER B 31 -12.73 -9.30 -16.35
CA SER B 31 -12.70 -9.06 -14.91
C SER B 31 -11.29 -8.88 -14.37
N TYR B 32 -11.12 -7.90 -13.50
CA TYR B 32 -9.84 -7.61 -12.88
C TYR B 32 -9.98 -7.70 -11.36
N LEU B 33 -9.05 -8.37 -10.71
CA LEU B 33 -9.09 -8.47 -9.26
C LEU B 33 -8.53 -7.18 -8.67
N LEU B 34 -9.35 -6.44 -7.92
CA LEU B 34 -8.89 -5.20 -7.31
C LEU B 34 -8.30 -5.46 -5.93
N GLN B 35 -8.96 -6.33 -5.18
CA GLN B 35 -8.53 -6.66 -3.82
C GLN B 35 -8.77 -8.15 -3.55
N GLU B 36 -7.69 -8.85 -3.23
CA GLU B 36 -7.68 -10.29 -2.95
C GLU B 36 -8.77 -10.78 -1.99
N GLY B 37 -8.82 -10.16 -0.81
CA GLY B 37 -9.79 -10.53 0.19
C GLY B 37 -9.19 -11.47 1.21
N LYS B 38 -9.56 -11.30 2.48
CA LYS B 38 -9.07 -12.17 3.54
C LYS B 38 -10.23 -12.56 4.45
N ALA B 39 -10.24 -13.82 4.85
CA ALA B 39 -11.31 -14.34 5.69
C ALA B 39 -11.33 -13.75 7.10
N GLY B 40 -12.54 -13.48 7.56
CA GLY B 40 -12.71 -12.97 8.90
C GLY B 40 -12.73 -14.18 9.81
N LYS B 41 -12.98 -13.97 11.07
CA LYS B 41 -12.99 -15.07 12.01
C LYS B 41 -14.01 -14.78 13.11
N LYS B 42 -14.68 -15.83 13.56
CA LYS B 42 -15.66 -15.67 14.63
C LYS B 42 -15.13 -16.44 15.82
N VAL B 43 -15.00 -15.76 16.95
CA VAL B 43 -14.51 -16.41 18.15
C VAL B 43 -15.62 -16.38 19.20
N SER B 44 -16.00 -17.56 19.63
CA SER B 44 -17.06 -17.70 20.61
C SER B 44 -16.52 -18.28 21.90
N VAL B 45 -16.92 -17.68 23.01
CA VAL B 45 -16.48 -18.18 24.30
C VAL B 45 -17.72 -18.73 24.99
N TYR B 46 -17.64 -19.99 25.41
CA TYR B 46 -18.76 -20.63 26.08
C TYR B 46 -18.41 -21.02 27.50
N GLN B 47 -19.44 -21.19 28.32
CA GLN B 47 -19.25 -21.64 29.68
C GLN B 47 -20.13 -22.85 29.93
N ASP B 48 -19.52 -23.94 30.38
CA ASP B 48 -20.26 -25.16 30.66
C ASP B 48 -20.42 -25.31 32.19
N VAL B 49 -21.47 -26.01 32.59
CA VAL B 49 -21.70 -26.31 33.98
C VAL B 49 -21.57 -27.82 33.97
N ILE B 50 -20.73 -28.37 34.84
CA ILE B 50 -20.54 -29.81 34.90
C ILE B 50 -21.10 -30.38 36.19
N VAL B 51 -21.95 -31.39 36.06
CA VAL B 51 -22.54 -32.05 37.20
C VAL B 51 -22.31 -33.54 37.01
N ASP B 52 -21.63 -34.15 37.97
CA ASP B 52 -21.35 -35.57 37.90
C ASP B 52 -20.62 -35.96 36.61
N GLY B 53 -19.62 -35.16 36.25
CA GLY B 53 -18.82 -35.45 35.06
C GLY B 53 -19.39 -35.11 33.71
N LYS B 54 -20.66 -34.73 33.65
CA LYS B 54 -21.29 -34.39 32.37
C LYS B 54 -21.67 -32.93 32.27
N VAL B 55 -21.69 -32.43 31.05
CA VAL B 55 -22.05 -31.04 30.80
C VAL B 55 -23.58 -30.89 30.82
N MET B 56 -24.10 -30.27 31.88
CA MET B 56 -25.54 -30.09 32.02
C MET B 56 -26.08 -28.91 31.22
N ALA B 57 -25.22 -27.95 30.94
CA ALA B 57 -25.66 -26.78 30.20
C ALA B 57 -24.48 -25.93 29.82
N THR B 58 -24.72 -24.99 28.92
CA THR B 58 -23.67 -24.11 28.49
C THR B 58 -24.27 -22.79 28.03
N ASN B 59 -23.61 -21.71 28.41
CA ASN B 59 -24.03 -20.37 28.02
C ASN B 59 -23.00 -19.77 27.07
N LEU B 60 -23.45 -18.82 26.27
CA LEU B 60 -22.58 -18.13 25.36
C LEU B 60 -22.14 -16.88 26.11
N LEU B 61 -20.85 -16.80 26.43
CA LEU B 61 -20.32 -15.65 27.14
C LEU B 61 -20.15 -14.52 26.15
N SER B 62 -19.33 -14.73 25.14
CA SER B 62 -19.08 -13.69 24.14
C SER B 62 -18.87 -14.19 22.72
N GLU B 63 -19.07 -13.27 21.78
CA GLU B 63 -18.92 -13.55 20.37
C GLU B 63 -18.15 -12.41 19.71
N THR B 64 -16.95 -12.74 19.22
CA THR B 64 -16.11 -11.74 18.56
C THR B 64 -15.94 -12.01 17.09
N VAL B 65 -16.21 -11.00 16.27
CA VAL B 65 -16.01 -11.15 14.84
C VAL B 65 -14.80 -10.32 14.45
N VAL B 66 -13.68 -11.01 14.22
CA VAL B 66 -12.44 -10.36 13.81
C VAL B 66 -12.60 -10.07 12.32
N GLU B 67 -12.87 -8.81 11.98
CA GLU B 67 -13.06 -8.41 10.59
C GLU B 67 -11.98 -8.86 9.63
N GLY B 68 -12.41 -9.37 8.48
CA GLY B 68 -11.47 -9.79 7.46
C GLY B 68 -11.42 -8.68 6.41
N GLN B 69 -11.10 -9.04 5.18
CA GLN B 69 -11.05 -8.05 4.12
C GLN B 69 -11.86 -8.55 2.94
N ASN B 70 -12.66 -7.66 2.36
CA ASN B 70 -13.47 -8.02 1.21
C ASN B 70 -12.65 -8.32 -0.03
N ARG B 71 -13.19 -9.17 -0.87
CA ARG B 71 -12.54 -9.45 -2.13
C ARG B 71 -13.25 -8.43 -3.00
N ILE B 72 -12.51 -7.69 -3.83
CA ILE B 72 -13.14 -6.71 -4.72
C ILE B 72 -12.78 -7.04 -6.17
N LEU B 73 -13.81 -7.13 -7.00
CA LEU B 73 -13.63 -7.46 -8.42
C LEU B 73 -14.33 -6.39 -9.26
N VAL B 74 -13.71 -6.02 -10.38
CA VAL B 74 -14.32 -5.04 -11.28
C VAL B 74 -14.56 -5.70 -12.62
N LYS B 75 -15.73 -5.44 -13.19
CA LYS B 75 -16.09 -6.01 -14.46
C LYS B 75 -16.32 -4.91 -15.49
N GLY B 76 -15.96 -5.21 -16.73
CA GLY B 76 -16.16 -4.24 -17.79
C GLY B 76 -17.64 -4.12 -18.03
N SER B 77 -18.10 -2.97 -18.47
CA SER B 77 -19.51 -2.74 -18.72
C SER B 77 -19.75 -1.84 -19.93
N LEU B 78 -21.00 -1.86 -20.42
CA LEU B 78 -21.40 -1.05 -21.57
C LEU B 78 -21.83 0.34 -21.12
N SER C 1 42.88 -22.08 -13.69
CA SER C 1 41.83 -23.13 -13.80
C SER C 1 40.45 -22.52 -13.98
N GLU C 2 39.43 -23.37 -13.99
CA GLU C 2 38.07 -22.89 -14.16
C GLU C 2 37.57 -22.25 -12.86
N PHE C 3 36.35 -21.73 -12.87
CA PHE C 3 35.78 -21.10 -11.69
C PHE C 3 34.26 -21.19 -11.65
N THR C 4 33.72 -20.92 -10.48
CA THR C 4 32.28 -20.92 -10.31
C THR C 4 31.98 -19.65 -9.55
N THR C 5 30.71 -19.28 -9.50
CA THR C 5 30.29 -18.08 -8.82
C THR C 5 29.13 -18.40 -7.91
N LYS C 6 28.94 -17.60 -6.87
CA LYS C 6 27.83 -17.83 -5.96
C LYS C 6 27.49 -16.51 -5.29
N GLU C 7 26.23 -16.34 -4.96
CA GLU C 7 25.79 -15.12 -4.31
C GLU C 7 25.51 -15.41 -2.84
N ARG C 8 25.78 -14.44 -1.98
CA ARG C 8 25.50 -14.59 -0.56
C ARG C 8 25.05 -13.25 0.01
N LYS C 9 24.05 -13.29 0.87
CA LYS C 9 23.54 -12.08 1.48
C LYS C 9 23.94 -12.03 2.94
N VAL C 10 24.40 -10.86 3.36
CA VAL C 10 24.83 -10.64 4.73
C VAL C 10 23.86 -9.65 5.38
N GLU C 11 23.32 -10.03 6.52
CA GLU C 11 22.38 -9.18 7.21
C GLU C 11 22.88 -8.67 8.55
N GLU C 12 22.94 -7.35 8.69
CA GLU C 12 23.37 -6.74 9.92
C GLU C 12 22.16 -6.10 10.56
N ALA C 13 21.84 -6.55 11.76
CA ALA C 13 20.71 -6.00 12.49
C ALA C 13 21.01 -4.54 12.78
N LEU C 14 19.98 -3.71 12.76
CA LEU C 14 20.18 -2.29 13.03
C LEU C 14 19.62 -1.99 14.41
N PRO C 15 20.21 -1.04 15.13
CA PRO C 15 19.74 -0.67 16.47
C PRO C 15 18.27 -0.27 16.44
N ILE C 16 17.46 -0.88 17.30
CA ILE C 16 16.04 -0.56 17.38
C ILE C 16 15.89 0.92 17.72
N LYS C 17 14.96 1.59 17.05
CA LYS C 17 14.72 3.00 17.30
C LYS C 17 13.57 3.08 18.28
N GLU C 18 13.69 3.92 19.30
CA GLU C 18 12.63 4.05 20.28
C GLU C 18 12.05 5.43 20.36
N GLU C 19 10.74 5.51 20.21
CA GLU C 19 10.02 6.76 20.28
C GLU C 19 9.42 6.85 21.68
N ILE C 20 9.38 8.05 22.24
CA ILE C 20 8.77 8.23 23.55
C ILE C 20 7.57 9.13 23.36
N ARG C 21 6.40 8.65 23.79
CA ARG C 21 5.17 9.43 23.68
C ARG C 21 4.60 9.81 25.04
N TYR C 22 3.87 10.91 25.07
CA TYR C 22 3.24 11.36 26.32
C TYR C 22 1.77 11.02 26.37
N ASP C 23 1.37 10.41 27.49
CA ASP C 23 -0.02 10.02 27.72
C ASP C 23 -0.48 10.75 28.96
N ALA C 24 -1.42 11.69 28.79
CA ALA C 24 -1.94 12.45 29.91
C ALA C 24 -2.72 11.62 30.91
N SER C 25 -3.25 10.48 30.47
CA SER C 25 -4.03 9.62 31.36
C SER C 25 -3.16 8.77 32.28
N LEU C 26 -1.87 8.69 31.98
CA LEU C 26 -0.96 7.90 32.81
C LEU C 26 -0.46 8.64 34.02
N PRO C 27 -0.32 7.94 35.15
CA PRO C 27 0.17 8.53 36.39
C PRO C 27 1.67 8.78 36.26
N LEU C 28 2.19 9.80 36.94
CA LEU C 28 3.63 10.09 36.88
C LEU C 28 4.41 8.83 37.29
N GLY C 29 5.61 8.67 36.73
CA GLY C 29 6.43 7.52 37.04
C GLY C 29 5.92 6.20 36.50
N LYS C 30 4.84 6.24 35.71
CA LYS C 30 4.26 5.05 35.12
C LYS C 30 4.33 5.12 33.60
N SER C 31 4.85 4.06 33.00
CA SER C 31 4.99 3.97 31.56
C SER C 31 4.82 2.52 31.15
N TYR C 32 4.58 2.30 29.86
CA TYR C 32 4.40 0.93 29.35
C TYR C 32 4.77 0.89 27.86
N LEU C 33 5.11 -0.30 27.38
CA LEU C 33 5.45 -0.44 25.96
C LEU C 33 4.17 -0.55 25.16
N LEU C 34 4.01 0.37 24.22
CA LEU C 34 2.85 0.40 23.33
C LEU C 34 3.13 -0.44 22.10
N GLN C 35 4.41 -0.71 21.87
CA GLN C 35 4.85 -1.47 20.71
C GLN C 35 6.31 -1.85 20.92
N GLU C 36 6.57 -3.14 21.05
CA GLU C 36 7.92 -3.63 21.28
C GLU C 36 8.89 -3.22 20.20
N GLY C 37 8.40 -3.09 18.97
CA GLY C 37 9.27 -2.69 17.88
C GLY C 37 10.19 -3.79 17.37
N LYS C 38 10.65 -3.64 16.14
CA LYS C 38 11.54 -4.61 15.53
C LYS C 38 12.73 -3.91 14.92
N ALA C 39 13.85 -4.61 14.87
CA ALA C 39 15.08 -4.05 14.32
C ALA C 39 15.10 -4.03 12.79
N GLY C 40 15.61 -2.93 12.23
CA GLY C 40 15.73 -2.83 10.80
C GLY C 40 16.99 -3.62 10.47
N LYS C 41 17.30 -3.76 9.18
CA LYS C 41 18.49 -4.49 8.81
C LYS C 41 19.15 -3.90 7.59
N LYS C 42 20.46 -4.11 7.50
CA LYS C 42 21.26 -3.64 6.39
C LYS C 42 21.67 -4.94 5.71
N VAL C 43 21.10 -5.20 4.55
CA VAL C 43 21.37 -6.42 3.81
C VAL C 43 22.27 -6.16 2.62
N SER C 44 23.40 -6.83 2.58
CA SER C 44 24.33 -6.67 1.47
C SER C 44 24.40 -7.97 0.67
N VAL C 45 24.25 -7.88 -0.63
CA VAL C 45 24.35 -9.07 -1.46
C VAL C 45 25.71 -9.04 -2.15
N TYR C 46 26.47 -10.13 -1.99
CA TYR C 46 27.81 -10.25 -2.57
C TYR C 46 27.89 -11.37 -3.58
N GLN C 47 28.86 -11.26 -4.49
CA GLN C 47 29.06 -12.31 -5.46
C GLN C 47 30.49 -12.79 -5.28
N ASP C 48 30.66 -14.09 -5.08
CA ASP C 48 31.98 -14.66 -4.90
C ASP C 48 32.46 -15.43 -6.12
N VAL C 49 33.76 -15.35 -6.39
CA VAL C 49 34.35 -16.12 -7.48
C VAL C 49 35.12 -17.22 -6.74
N ILE C 50 34.71 -18.46 -6.98
CA ILE C 50 35.32 -19.60 -6.33
C ILE C 50 36.25 -20.37 -7.25
N VAL C 51 37.50 -20.52 -6.83
CA VAL C 51 38.49 -21.25 -7.60
C VAL C 51 39.05 -22.40 -6.76
N ASP C 52 38.82 -23.63 -7.22
CA ASP C 52 39.32 -24.81 -6.51
C ASP C 52 38.73 -24.99 -5.12
N GLY C 53 37.49 -24.55 -4.94
CA GLY C 53 36.83 -24.69 -3.65
C GLY C 53 37.09 -23.58 -2.64
N LYS C 54 37.68 -22.47 -3.08
CA LYS C 54 37.99 -21.35 -2.19
C LYS C 54 37.76 -19.97 -2.80
N VAL C 55 36.96 -19.15 -2.12
CA VAL C 55 36.65 -17.79 -2.56
C VAL C 55 37.94 -17.08 -2.96
N MET C 56 37.99 -16.58 -4.20
CA MET C 56 39.17 -15.90 -4.71
C MET C 56 38.98 -14.40 -4.88
N ALA C 57 37.74 -13.96 -4.77
CA ALA C 57 37.39 -12.55 -4.92
C ALA C 57 35.89 -12.38 -4.76
N THR C 58 35.48 -11.19 -4.34
CA THR C 58 34.06 -10.92 -4.14
C THR C 58 33.70 -9.49 -4.49
N ASN C 59 32.52 -9.33 -5.09
CA ASN C 59 32.02 -8.04 -5.47
C ASN C 59 30.75 -7.77 -4.69
N LEU C 60 30.56 -6.52 -4.32
CA LEU C 60 29.34 -6.13 -3.62
C LEU C 60 28.33 -5.77 -4.69
N LEU C 61 27.27 -6.55 -4.76
CA LEU C 61 26.23 -6.34 -5.75
C LEU C 61 25.17 -5.34 -5.31
N SER C 62 24.78 -5.41 -4.05
CA SER C 62 23.72 -4.57 -3.56
C SER C 62 23.85 -4.23 -2.07
N GLU C 63 23.25 -3.12 -1.67
CA GLU C 63 23.26 -2.71 -0.27
C GLU C 63 21.87 -2.14 0.00
N THR C 64 21.10 -2.85 0.84
CA THR C 64 19.75 -2.43 1.18
C THR C 64 19.53 -2.13 2.66
N VAL C 65 18.74 -1.10 2.94
CA VAL C 65 18.41 -0.78 4.31
C VAL C 65 16.91 -0.99 4.46
N VAL C 66 16.55 -1.97 5.28
CA VAL C 66 15.15 -2.26 5.53
C VAL C 66 14.76 -1.64 6.85
N GLU C 67 13.89 -0.64 6.81
CA GLU C 67 13.45 0.04 8.01
C GLU C 67 12.85 -0.95 9.01
N GLY C 68 13.02 -0.67 10.29
CA GLY C 68 12.48 -1.56 11.30
C GLY C 68 11.16 -1.01 11.81
N GLN C 69 10.68 -1.57 12.93
CA GLN C 69 9.44 -1.13 13.56
C GLN C 69 9.88 -0.49 14.88
N ASN C 70 9.49 0.77 15.09
CA ASN C 70 9.86 1.50 16.28
C ASN C 70 9.36 0.88 17.57
N ARG C 71 10.13 1.08 18.64
CA ARG C 71 9.72 0.61 19.94
C ARG C 71 8.98 1.83 20.47
N ILE C 72 7.72 1.64 20.87
CA ILE C 72 6.93 2.76 21.37
C ILE C 72 6.76 2.70 22.88
N LEU C 73 7.23 3.74 23.55
CA LEU C 73 7.12 3.82 24.99
C LEU C 73 6.20 4.97 25.34
N VAL C 74 5.14 4.69 26.09
CA VAL C 74 4.21 5.74 26.49
C VAL C 74 4.34 5.96 27.99
N LYS C 75 4.51 7.22 28.39
CA LYS C 75 4.64 7.51 29.80
C LYS C 75 3.80 8.70 30.25
N GLY C 76 3.69 8.84 31.58
CA GLY C 76 2.90 9.91 32.16
C GLY C 76 3.67 11.14 32.60
N SER C 77 4.49 11.65 31.70
CA SER C 77 5.30 12.83 31.96
C SER C 77 5.92 13.19 30.61
N LEU C 78 6.24 14.45 30.39
CA LEU C 78 6.80 14.87 29.11
C LEU C 78 8.26 15.26 29.09
N GLU C 79 9.11 14.38 28.57
CA GLU C 79 10.53 14.69 28.48
C GLU C 79 10.73 15.74 27.38
N SER D 1 -13.24 7.84 6.63
CA SER D 1 -13.62 6.61 5.87
C SER D 1 -12.63 5.50 6.23
N GLU D 2 -12.65 4.43 5.46
CA GLU D 2 -11.73 3.32 5.71
C GLU D 2 -10.47 3.58 4.89
N PHE D 3 -9.45 2.75 5.09
CA PHE D 3 -8.21 2.92 4.37
C PHE D 3 -7.55 1.59 4.06
N THR D 4 -6.75 1.55 3.00
CA THR D 4 -6.03 0.36 2.64
C THR D 4 -4.60 0.82 2.46
N THR D 5 -3.68 -0.12 2.29
CA THR D 5 -2.29 0.22 2.10
C THR D 5 -1.79 -0.52 0.87
N LYS D 6 -0.71 -0.03 0.27
CA LYS D 6 -0.13 -0.70 -0.89
C LYS D 6 1.36 -0.40 -0.96
N GLU D 7 2.10 -1.27 -1.65
CA GLU D 7 3.55 -1.15 -1.83
C GLU D 7 3.83 -0.35 -3.09
N ARG D 8 4.84 0.50 -3.04
CA ARG D 8 5.21 1.26 -4.22
C ARG D 8 6.72 1.26 -4.41
N LYS D 9 7.17 0.63 -5.49
CA LYS D 9 8.59 0.55 -5.80
C LYS D 9 8.96 1.66 -6.78
N VAL D 10 10.00 2.39 -6.45
CA VAL D 10 10.47 3.49 -7.28
C VAL D 10 11.96 3.35 -7.53
N GLU D 11 12.36 3.45 -8.80
CA GLU D 11 13.75 3.34 -9.17
C GLU D 11 14.31 4.67 -9.64
N GLU D 12 15.56 4.92 -9.24
CA GLU D 12 16.28 6.13 -9.57
C GLU D 12 17.67 5.74 -10.07
N ALA D 13 18.05 6.22 -11.25
CA ALA D 13 19.38 5.91 -11.76
C ALA D 13 20.38 6.79 -11.01
N LEU D 14 21.52 6.22 -10.65
CA LEU D 14 22.54 7.00 -9.93
C LEU D 14 23.58 7.56 -10.89
N PRO D 15 24.14 8.72 -10.56
CA PRO D 15 25.16 9.33 -11.42
C PRO D 15 26.36 8.40 -11.56
N ILE D 16 26.84 8.21 -12.78
CA ILE D 16 27.99 7.35 -13.02
C ILE D 16 29.26 8.01 -12.49
N LYS D 17 30.10 7.22 -11.84
CA LYS D 17 31.36 7.72 -11.33
C LYS D 17 32.37 7.62 -12.47
N GLU D 18 33.16 8.67 -12.68
CA GLU D 18 34.14 8.70 -13.76
C GLU D 18 35.55 8.97 -13.27
N GLU D 19 36.40 7.96 -13.33
CA GLU D 19 37.79 8.14 -12.90
C GLU D 19 38.66 8.49 -14.11
N ILE D 20 39.63 9.36 -13.89
CA ILE D 20 40.53 9.77 -14.96
C ILE D 20 41.93 9.32 -14.61
N ARG D 21 42.49 8.45 -15.45
CA ARG D 21 43.84 7.98 -15.23
C ARG D 21 44.79 8.62 -16.23
N TYR D 22 46.09 8.48 -15.99
CA TYR D 22 47.07 9.09 -16.87
C TYR D 22 48.11 8.12 -17.37
N ASP D 23 48.59 8.36 -18.58
CA ASP D 23 49.59 7.51 -19.19
C ASP D 23 50.57 8.34 -20.01
N ALA D 24 51.84 8.30 -19.61
CA ALA D 24 52.88 9.06 -20.31
C ALA D 24 53.18 8.45 -21.67
N SER D 25 53.07 7.14 -21.78
CA SER D 25 53.32 6.44 -23.03
C SER D 25 52.35 6.92 -24.10
N LEU D 26 51.31 7.62 -23.67
CA LEU D 26 50.30 8.14 -24.58
C LEU D 26 50.50 9.62 -24.83
N PRO D 27 50.33 10.05 -26.09
CA PRO D 27 50.49 11.46 -26.48
C PRO D 27 49.50 12.35 -25.74
N LEU D 28 49.97 13.47 -25.22
CA LEU D 28 49.07 14.38 -24.53
C LEU D 28 47.97 14.74 -25.51
N GLY D 29 46.76 14.93 -24.98
CA GLY D 29 45.64 15.27 -25.84
C GLY D 29 44.82 14.05 -26.22
N LYS D 30 45.42 12.87 -26.14
CA LYS D 30 44.70 11.64 -26.48
C LYS D 30 43.95 11.10 -25.26
N SER D 31 42.75 10.59 -25.50
CA SER D 31 41.93 10.03 -24.44
C SER D 31 41.33 8.71 -24.87
N TYR D 32 41.55 7.68 -24.07
CA TYR D 32 41.01 6.36 -24.36
C TYR D 32 40.07 5.93 -23.25
N LEU D 33 39.00 5.23 -23.63
CA LEU D 33 38.04 4.74 -22.66
C LEU D 33 38.52 3.38 -22.19
N LEU D 34 39.05 3.34 -20.98
CA LEU D 34 39.56 2.10 -20.40
C LEU D 34 38.40 1.24 -19.87
N GLN D 35 37.30 1.88 -19.48
CA GLN D 35 36.15 1.16 -18.95
C GLN D 35 34.87 2.00 -19.08
N GLU D 36 33.93 1.52 -19.89
CA GLU D 36 32.68 2.24 -20.04
C GLU D 36 31.94 2.13 -18.72
N GLY D 37 31.44 3.26 -18.23
CA GLY D 37 30.73 3.24 -16.97
C GLY D 37 29.45 2.45 -17.00
N LYS D 38 28.85 2.27 -15.83
CA LYS D 38 27.60 1.55 -15.70
C LYS D 38 26.91 2.25 -14.53
N ALA D 39 25.70 2.73 -14.76
CA ALA D 39 24.97 3.44 -13.74
C ALA D 39 24.32 2.52 -12.70
N GLY D 40 24.58 2.81 -11.44
CA GLY D 40 23.97 2.01 -10.39
C GLY D 40 22.58 2.57 -10.21
N LYS D 41 21.78 1.97 -9.33
CA LYS D 41 20.45 2.50 -9.12
C LYS D 41 19.99 2.37 -7.70
N LYS D 42 19.14 3.31 -7.31
CA LYS D 42 18.56 3.37 -5.99
C LYS D 42 17.10 2.97 -6.12
N VAL D 43 16.74 1.85 -5.50
CA VAL D 43 15.38 1.33 -5.53
C VAL D 43 14.74 1.54 -4.16
N SER D 44 13.64 2.27 -4.13
CA SER D 44 12.96 2.51 -2.87
C SER D 44 11.59 1.87 -2.90
N VAL D 45 11.21 1.27 -1.77
CA VAL D 45 9.90 0.66 -1.67
C VAL D 45 9.18 1.42 -0.57
N TYR D 46 8.00 1.92 -0.91
CA TYR D 46 7.22 2.68 0.04
C TYR D 46 5.92 1.97 0.36
N GLN D 47 5.24 2.45 1.39
CA GLN D 47 3.95 1.92 1.73
C GLN D 47 3.01 3.12 1.74
N ASP D 48 2.03 3.12 0.83
CA ASP D 48 1.08 4.21 0.75
C ASP D 48 -0.23 3.90 1.49
N VAL D 49 -0.76 4.89 2.21
CA VAL D 49 -2.04 4.70 2.87
C VAL D 49 -3.05 5.33 1.91
N ILE D 50 -3.97 4.51 1.41
CA ILE D 50 -4.99 4.95 0.45
C ILE D 50 -6.36 5.22 1.09
N VAL D 51 -6.88 6.43 0.89
CA VAL D 51 -8.19 6.79 1.41
C VAL D 51 -9.04 7.39 0.30
N ASP D 52 -10.19 6.79 0.06
CA ASP D 52 -11.11 7.23 -0.99
C ASP D 52 -10.40 7.35 -2.33
N GLY D 53 -9.62 6.33 -2.66
CA GLY D 53 -8.91 6.34 -3.93
C GLY D 53 -7.68 7.24 -3.99
N LYS D 54 -7.40 7.97 -2.93
CA LYS D 54 -6.24 8.86 -2.94
C LYS D 54 -5.15 8.51 -1.89
N VAL D 55 -3.89 8.59 -2.30
CA VAL D 55 -2.77 8.32 -1.39
C VAL D 55 -2.68 9.54 -0.47
N MET D 56 -2.91 9.33 0.83
CA MET D 56 -2.88 10.42 1.79
C MET D 56 -1.58 10.50 2.56
N ALA D 57 -0.71 9.52 2.37
CA ALA D 57 0.56 9.50 3.07
C ALA D 57 1.37 8.29 2.65
N THR D 58 2.64 8.27 3.05
CA THR D 58 3.51 7.18 2.69
C THR D 58 4.69 7.04 3.62
N ASN D 59 5.07 5.80 3.90
CA ASN D 59 6.20 5.51 4.76
C ASN D 59 7.26 4.77 3.96
N LEU D 60 8.53 5.06 4.24
CA LEU D 60 9.61 4.39 3.55
C LEU D 60 9.73 3.00 4.18
N LEU D 61 9.86 1.98 3.34
CA LEU D 61 9.97 0.62 3.82
C LEU D 61 11.43 0.14 3.69
N SER D 62 12.04 0.40 2.54
CA SER D 62 13.40 0.00 2.29
C SER D 62 14.05 0.84 1.22
N GLU D 63 15.38 0.89 1.26
CA GLU D 63 16.15 1.65 0.31
C GLU D 63 17.28 0.74 -0.13
N THR D 64 17.36 0.48 -1.42
CA THR D 64 18.39 -0.37 -1.98
C THR D 64 19.26 0.39 -2.96
N VAL D 65 20.55 0.06 -2.99
CA VAL D 65 21.44 0.68 -3.95
C VAL D 65 22.11 -0.42 -4.73
N VAL D 66 21.79 -0.52 -6.01
CA VAL D 66 22.43 -1.52 -6.85
C VAL D 66 23.67 -0.80 -7.36
N GLU D 67 24.82 -1.26 -6.90
CA GLU D 67 26.10 -0.63 -7.21
C GLU D 67 26.45 0.06 -8.53
N GLY D 68 26.68 -0.68 -9.61
CA GLY D 68 27.05 0.01 -10.82
C GLY D 68 28.56 0.00 -10.96
N GLN D 69 29.05 0.36 -12.14
CA GLN D 69 30.48 0.35 -12.45
C GLN D 69 31.03 1.72 -12.90
N ASN D 70 32.17 2.12 -12.36
CA ASN D 70 32.80 3.39 -12.71
C ASN D 70 33.26 3.49 -14.15
N ARG D 71 33.17 4.69 -14.72
CA ARG D 71 33.64 4.93 -16.08
C ARG D 71 35.11 5.26 -15.87
N ILE D 72 35.98 4.73 -16.71
CA ILE D 72 37.40 4.99 -16.56
C ILE D 72 37.99 5.51 -17.87
N LEU D 73 38.66 6.65 -17.78
CA LEU D 73 39.27 7.28 -18.95
C LEU D 73 40.76 7.51 -18.75
N VAL D 74 41.54 7.16 -19.76
CA VAL D 74 42.99 7.32 -19.73
C VAL D 74 43.34 8.49 -20.63
N LYS D 75 44.13 9.43 -20.10
CA LYS D 75 44.55 10.57 -20.88
C LYS D 75 46.07 10.61 -20.89
N GLY D 76 46.66 10.76 -22.07
CA GLY D 76 48.11 10.80 -22.15
C GLY D 76 48.70 12.04 -21.48
N SER E 1 3.43 13.17 3.69
CA SER E 1 3.95 12.94 5.06
C SER E 1 3.87 11.47 5.41
N GLU E 2 4.57 11.09 6.47
CA GLU E 2 4.55 9.73 6.94
C GLU E 2 3.22 9.52 7.66
N PHE E 3 2.99 8.31 8.11
CA PHE E 3 1.76 8.05 8.83
C PHE E 3 2.04 7.06 9.94
N THR E 4 1.10 6.96 10.87
CA THR E 4 1.23 6.04 11.98
C THR E 4 -0.16 5.52 12.28
N THR E 5 -0.25 4.43 13.00
CA THR E 5 -1.56 3.88 13.31
C THR E 5 -1.78 3.85 14.81
N LYS E 6 -3.02 3.64 15.21
CA LYS E 6 -3.36 3.58 16.62
C LYS E 6 -4.69 2.86 16.74
N GLU E 7 -4.80 2.03 17.77
CA GLU E 7 -6.01 1.26 18.02
C GLU E 7 -6.91 1.86 19.09
N ARG E 8 -8.19 2.00 18.77
CA ARG E 8 -9.19 2.53 19.69
C ARG E 8 -10.18 1.43 20.03
N LYS E 9 -10.67 1.46 21.27
CA LYS E 9 -11.68 0.50 21.70
C LYS E 9 -12.90 1.36 21.98
N VAL E 10 -14.10 0.82 21.77
CA VAL E 10 -15.31 1.59 22.02
C VAL E 10 -16.43 0.68 22.48
N GLU E 11 -16.91 0.91 23.70
CA GLU E 11 -17.97 0.09 24.25
C GLU E 11 -19.32 0.79 24.06
N GLU E 12 -20.33 0.00 23.70
CA GLU E 12 -21.66 0.52 23.46
C GLU E 12 -22.68 -0.48 24.01
N ALA E 13 -23.53 -0.02 24.91
CA ALA E 13 -24.54 -0.89 25.51
C ALA E 13 -25.56 -1.32 24.47
N LEU E 14 -25.96 -2.58 24.53
CA LEU E 14 -26.95 -3.10 23.60
C LEU E 14 -28.32 -3.10 24.23
N PRO E 15 -29.37 -3.08 23.41
CA PRO E 15 -30.74 -3.09 23.94
C PRO E 15 -30.94 -4.34 24.78
N ILE E 16 -31.86 -4.28 25.73
CA ILE E 16 -32.13 -5.42 26.59
C ILE E 16 -33.16 -6.30 25.92
N LYS E 17 -32.83 -7.57 25.74
CA LYS E 17 -33.74 -8.52 25.12
C LYS E 17 -34.92 -8.74 26.04
N GLU E 18 -36.13 -8.72 25.48
CA GLU E 18 -37.35 -8.93 26.26
C GLU E 18 -37.95 -10.30 26.03
N GLU E 19 -38.54 -10.87 27.08
CA GLU E 19 -39.12 -12.19 27.02
C GLU E 19 -40.44 -12.17 27.79
N ILE E 20 -41.46 -12.85 27.29
CA ILE E 20 -42.74 -12.89 27.97
C ILE E 20 -43.34 -14.28 28.11
N ARG E 21 -43.25 -14.83 29.33
CA ARG E 21 -43.81 -16.14 29.63
C ARG E 21 -45.31 -15.89 29.73
N TYR E 22 -46.10 -16.86 30.19
CA TYR E 22 -47.53 -16.60 30.24
C TYR E 22 -48.45 -16.99 31.40
N ASP E 23 -48.05 -17.88 32.30
CA ASP E 23 -49.00 -18.20 33.37
C ASP E 23 -48.67 -18.97 34.64
N ALA E 24 -49.78 -19.33 35.24
CA ALA E 24 -49.97 -20.08 36.48
C ALA E 24 -51.46 -19.74 36.55
N SER E 25 -51.95 -19.30 35.39
CA SER E 25 -53.33 -18.88 35.20
C SER E 25 -53.54 -17.59 35.98
N LEU E 26 -52.57 -16.69 35.93
CA LEU E 26 -52.68 -15.43 36.65
C LEU E 26 -53.69 -14.51 35.99
N PRO E 27 -54.50 -13.81 36.82
CA PRO E 27 -55.53 -12.89 36.34
C PRO E 27 -55.11 -12.12 35.11
N LEU E 28 -55.52 -12.63 33.95
CA LEU E 28 -55.20 -12.03 32.67
C LEU E 28 -55.37 -10.51 32.78
N GLY E 29 -54.25 -9.81 32.85
CA GLY E 29 -54.28 -8.36 32.98
C GLY E 29 -53.15 -7.92 33.89
N LYS E 30 -52.66 -8.87 34.69
CA LYS E 30 -51.58 -8.59 35.61
C LYS E 30 -50.29 -9.22 35.11
N SER E 31 -49.18 -8.80 35.69
CA SER E 31 -47.87 -9.31 35.30
C SER E 31 -46.81 -9.17 36.38
N TYR E 32 -45.94 -10.18 36.47
CA TYR E 32 -44.87 -10.19 37.46
C TYR E 32 -43.53 -10.29 36.78
N LEU E 33 -42.53 -9.66 37.40
CA LEU E 33 -41.17 -9.66 36.88
C LEU E 33 -40.52 -11.01 37.16
N LEU E 34 -40.00 -11.65 36.12
CA LEU E 34 -39.36 -12.94 36.28
C LEU E 34 -37.85 -12.79 36.38
N GLN E 35 -37.29 -11.87 35.59
CA GLN E 35 -35.85 -11.63 35.58
C GLN E 35 -35.48 -10.17 35.27
N GLU E 36 -34.56 -9.61 36.06
CA GLU E 36 -34.10 -8.23 35.91
C GLU E 36 -33.63 -7.90 34.50
N GLY E 37 -32.77 -8.75 33.95
CA GLY E 37 -32.28 -8.46 32.63
C GLY E 37 -31.24 -7.34 32.63
N LYS E 38 -30.06 -7.63 32.08
CA LYS E 38 -28.97 -6.66 31.99
C LYS E 38 -28.59 -6.51 30.54
N ALA E 39 -28.10 -5.34 30.19
CA ALA E 39 -27.72 -5.06 28.81
C ALA E 39 -26.40 -5.70 28.39
N GLY E 40 -26.36 -6.15 27.15
CA GLY E 40 -25.14 -6.75 26.63
C GLY E 40 -24.31 -5.59 26.12
N LYS E 41 -23.01 -5.80 25.95
CA LYS E 41 -22.18 -4.71 25.44
C LYS E 41 -21.41 -5.06 24.17
N LYS E 42 -21.47 -4.16 23.20
CA LYS E 42 -20.73 -4.37 21.97
C LYS E 42 -19.42 -3.63 22.16
N VAL E 43 -18.31 -4.32 21.90
CA VAL E 43 -17.00 -3.70 22.02
C VAL E 43 -16.40 -3.68 20.62
N SER E 44 -16.21 -2.49 20.08
CA SER E 44 -15.62 -2.35 18.77
C SER E 44 -14.16 -1.92 18.90
N VAL E 45 -13.30 -2.54 18.10
CA VAL E 45 -11.88 -2.17 18.11
C VAL E 45 -11.56 -1.58 16.75
N TYR E 46 -11.05 -0.35 16.75
CA TYR E 46 -10.71 0.36 15.52
C TYR E 46 -9.22 0.64 15.45
N GLN E 47 -8.76 0.95 14.24
CA GLN E 47 -7.37 1.30 14.03
C GLN E 47 -7.41 2.56 13.16
N ASP E 48 -6.90 3.66 13.71
CA ASP E 48 -6.91 4.92 12.99
C ASP E 48 -5.57 5.21 12.33
N VAL E 49 -5.61 5.85 11.16
CA VAL E 49 -4.37 6.23 10.49
C VAL E 49 -4.17 7.69 10.87
N ILE E 50 -2.99 8.02 11.39
CA ILE E 50 -2.70 9.37 11.78
C ILE E 50 -1.67 10.01 10.87
N VAL E 51 -2.01 11.19 10.36
CA VAL E 51 -1.15 11.97 9.49
C VAL E 51 -1.16 13.39 10.02
N ASP E 52 0.04 13.92 10.28
CA ASP E 52 0.17 15.29 10.80
C ASP E 52 -0.71 15.47 12.04
N GLY E 53 -0.68 14.50 12.96
CA GLY E 53 -1.47 14.59 14.16
C GLY E 53 -2.98 14.68 13.97
N LYS E 54 -3.51 13.97 12.97
CA LYS E 54 -4.95 13.99 12.69
C LYS E 54 -5.41 12.62 12.19
N VAL E 55 -6.50 12.11 12.77
CA VAL E 55 -7.02 10.84 12.31
C VAL E 55 -7.59 11.11 10.92
N MET E 56 -7.06 10.43 9.91
CA MET E 56 -7.49 10.60 8.53
C MET E 56 -8.47 9.55 8.06
N ALA E 57 -8.49 8.41 8.75
CA ALA E 57 -9.36 7.32 8.38
C ALA E 57 -9.29 6.25 9.46
N THR E 58 -10.30 5.39 9.49
CA THR E 58 -10.32 4.34 10.51
C THR E 58 -10.98 3.08 9.99
N ASN E 59 -10.46 1.94 10.46
CA ASN E 59 -11.01 0.65 10.06
C ASN E 59 -11.46 -0.10 11.29
N LEU E 60 -12.48 -0.94 11.13
CA LEU E 60 -12.96 -1.75 12.24
C LEU E 60 -12.15 -3.03 12.18
N LEU E 61 -11.50 -3.35 13.29
CA LEU E 61 -10.68 -4.54 13.40
C LEU E 61 -11.52 -5.68 13.96
N SER E 62 -12.29 -5.39 15.00
CA SER E 62 -13.13 -6.42 15.60
C SER E 62 -14.38 -5.88 16.27
N GLU E 63 -15.33 -6.77 16.46
CA GLU E 63 -16.58 -6.42 17.08
C GLU E 63 -16.98 -7.55 18.02
N THR E 64 -16.97 -7.25 19.31
CA THR E 64 -17.30 -8.22 20.36
C THR E 64 -18.59 -7.90 21.08
N VAL E 65 -19.52 -8.84 21.06
CA VAL E 65 -20.77 -8.67 21.78
C VAL E 65 -20.75 -9.55 23.03
N VAL E 66 -20.66 -8.90 24.19
CA VAL E 66 -20.66 -9.62 25.45
C VAL E 66 -22.14 -9.74 25.81
N GLU E 67 -22.66 -10.96 25.73
CA GLU E 67 -24.08 -11.21 26.02
C GLU E 67 -24.54 -10.74 27.38
N GLY E 68 -25.79 -10.28 27.43
CA GLY E 68 -26.37 -9.83 28.68
C GLY E 68 -27.43 -10.84 29.07
N GLN E 69 -28.43 -10.43 29.85
CA GLN E 69 -29.49 -11.36 30.22
C GLN E 69 -30.83 -10.72 29.93
N ASN E 70 -31.75 -11.50 29.42
CA ASN E 70 -33.09 -11.02 29.08
C ASN E 70 -33.89 -10.55 30.29
N ARG E 71 -34.82 -9.64 30.03
CA ARG E 71 -35.71 -9.17 31.07
C ARG E 71 -36.93 -10.04 30.85
N ILE E 72 -37.07 -11.07 31.67
CA ILE E 72 -38.19 -11.97 31.53
C ILE E 72 -39.39 -11.48 32.33
N LEU E 73 -40.53 -11.40 31.66
CA LEU E 73 -41.75 -10.92 32.29
C LEU E 73 -42.85 -11.96 32.11
N VAL E 74 -43.56 -12.28 33.19
CA VAL E 74 -44.66 -13.23 33.13
C VAL E 74 -45.95 -12.44 33.15
N LYS E 75 -46.77 -12.63 32.13
CA LYS E 75 -48.02 -11.92 32.05
C LYS E 75 -49.18 -12.89 32.21
N GLY E 76 -50.20 -12.47 32.96
CA GLY E 76 -51.36 -13.34 33.16
C GLY E 76 -52.19 -13.48 31.91
N SER F 1 -12.37 -14.26 -39.58
CA SER F 1 -10.99 -14.34 -40.14
C SER F 1 -9.96 -14.00 -39.06
N GLU F 2 -8.74 -13.70 -39.48
CA GLU F 2 -7.69 -13.36 -38.55
C GLU F 2 -7.75 -11.88 -38.22
N PHE F 3 -6.94 -11.45 -37.27
CA PHE F 3 -6.91 -10.04 -36.90
C PHE F 3 -5.48 -9.61 -36.73
N THR F 4 -5.25 -8.32 -36.88
CA THR F 4 -3.93 -7.77 -36.72
C THR F 4 -4.09 -6.48 -35.92
N THR F 5 -2.97 -5.85 -35.55
CA THR F 5 -3.03 -4.62 -34.79
C THR F 5 -2.15 -3.55 -35.43
N LYS F 6 -2.43 -2.30 -35.09
CA LYS F 6 -1.68 -1.15 -35.58
C LYS F 6 -1.68 -0.13 -34.43
N GLU F 7 -0.60 0.62 -34.24
CA GLU F 7 -0.59 1.63 -33.18
C GLU F 7 -0.70 3.02 -33.78
N ARG F 8 -1.36 3.91 -33.06
CA ARG F 8 -1.55 5.29 -33.50
C ARG F 8 -1.12 6.26 -32.42
N LYS F 9 -0.47 7.35 -32.83
CA LYS F 9 -0.02 8.37 -31.92
C LYS F 9 -0.94 9.58 -32.04
N VAL F 10 -1.38 10.11 -30.90
CA VAL F 10 -2.25 11.28 -30.87
C VAL F 10 -1.74 12.28 -29.85
N GLU F 11 -1.57 13.53 -30.27
CA GLU F 11 -1.09 14.59 -29.42
C GLU F 11 -2.18 15.61 -29.15
N GLU F 12 -2.24 16.11 -27.93
CA GLU F 12 -3.25 17.09 -27.57
C GLU F 12 -2.64 18.18 -26.70
N ALA F 13 -3.27 19.35 -26.71
CA ALA F 13 -2.81 20.46 -25.90
C ALA F 13 -3.63 20.28 -24.64
N LEU F 14 -3.00 20.50 -23.50
CA LEU F 14 -3.70 20.36 -22.24
C LEU F 14 -4.20 21.71 -21.77
N PRO F 15 -5.33 21.72 -21.05
CA PRO F 15 -5.84 23.00 -20.56
C PRO F 15 -4.78 23.64 -19.67
N ILE F 16 -4.48 24.90 -19.94
CA ILE F 16 -3.49 25.63 -19.18
C ILE F 16 -3.89 25.70 -17.71
N LYS F 17 -2.94 25.41 -16.84
CA LYS F 17 -3.17 25.42 -15.42
C LYS F 17 -3.14 26.87 -14.93
N GLU F 18 -4.27 27.34 -14.39
CA GLU F 18 -4.37 28.72 -13.90
C GLU F 18 -4.02 28.81 -12.42
N GLU F 19 -3.08 29.67 -12.08
CA GLU F 19 -2.67 29.86 -10.69
C GLU F 19 -2.98 31.30 -10.26
N ILE F 20 -3.62 31.44 -9.11
CA ILE F 20 -3.99 32.76 -8.60
C ILE F 20 -3.29 33.03 -7.26
N ARG F 21 -2.48 34.08 -7.24
CA ARG F 21 -1.75 34.45 -6.02
C ARG F 21 -2.26 35.81 -5.56
N TYR F 22 -2.87 35.84 -4.37
CA TYR F 22 -3.42 37.08 -3.84
C TYR F 22 -2.40 37.91 -3.07
N ASP F 23 -2.69 39.20 -3.01
CA ASP F 23 -1.84 40.16 -2.32
C ASP F 23 -2.72 41.25 -1.71
N ALA F 24 -2.80 41.27 -0.39
CA ALA F 24 -3.60 42.27 0.31
C ALA F 24 -3.01 43.65 0.08
N SER F 25 -1.76 43.70 -0.39
CA SER F 25 -1.08 44.96 -0.66
C SER F 25 -1.81 45.70 -1.76
N LEU F 26 -1.68 45.19 -2.99
CA LEU F 26 -2.32 45.82 -4.14
C LEU F 26 -3.81 46.02 -3.88
N PRO F 27 -4.39 47.09 -4.43
CA PRO F 27 -5.80 47.47 -4.30
C PRO F 27 -6.84 46.42 -4.66
N LEU F 28 -8.09 46.77 -4.41
CA LEU F 28 -9.24 45.91 -4.70
C LEU F 28 -9.33 45.62 -6.19
N GLY F 29 -10.06 44.57 -6.53
CA GLY F 29 -10.26 44.18 -7.92
C GLY F 29 -9.22 44.59 -8.96
N LYS F 30 -7.95 44.35 -8.66
CA LYS F 30 -6.88 44.66 -9.59
C LYS F 30 -6.15 43.35 -9.80
N SER F 31 -5.67 43.12 -11.02
CA SER F 31 -4.97 41.89 -11.31
C SER F 31 -3.80 42.14 -12.24
N TYR F 32 -2.69 41.45 -11.98
CA TYR F 32 -1.50 41.60 -12.81
C TYR F 32 -1.00 40.22 -13.24
N LEU F 33 -0.43 40.18 -14.43
CA LEU F 33 0.07 38.93 -14.97
C LEU F 33 1.52 38.71 -14.57
N LEU F 34 1.75 37.63 -13.81
CA LEU F 34 3.11 37.29 -13.37
C LEU F 34 3.78 36.39 -14.38
N GLN F 35 3.00 35.50 -14.98
CA GLN F 35 3.56 34.57 -15.95
C GLN F 35 2.54 34.09 -16.96
N GLU F 36 2.91 34.13 -18.23
CA GLU F 36 2.01 33.67 -19.26
C GLU F 36 1.94 32.15 -19.22
N GLY F 37 0.79 31.60 -19.55
CA GLY F 37 0.66 30.17 -19.54
C GLY F 37 1.13 29.55 -20.83
N LYS F 38 1.37 28.25 -20.78
CA LYS F 38 1.77 27.46 -21.93
C LYS F 38 1.14 26.11 -21.66
N ALA F 39 0.36 25.61 -22.60
CA ALA F 39 -0.31 24.34 -22.42
C ALA F 39 0.63 23.14 -22.34
N GLY F 40 0.20 22.12 -21.59
CA GLY F 40 0.96 20.90 -21.50
C GLY F 40 0.62 20.07 -22.74
N LYS F 41 1.51 19.17 -23.13
CA LYS F 41 1.28 18.35 -24.31
C LYS F 41 1.07 16.89 -23.93
N LYS F 42 -0.07 16.34 -24.33
CA LYS F 42 -0.40 14.95 -24.03
C LYS F 42 -0.28 14.10 -25.30
N VAL F 43 0.62 13.12 -25.25
CA VAL F 43 0.86 12.22 -26.36
C VAL F 43 0.43 10.81 -25.95
N SER F 44 -0.64 10.32 -26.56
CA SER F 44 -1.17 9.00 -26.26
C SER F 44 -0.90 8.02 -27.40
N VAL F 45 -0.48 6.81 -27.06
CA VAL F 45 -0.25 5.81 -28.08
C VAL F 45 -1.34 4.75 -27.96
N TYR F 46 -2.12 4.57 -29.02
CA TYR F 46 -3.19 3.59 -29.00
C TYR F 46 -2.87 2.38 -29.86
N GLN F 47 -3.59 1.30 -29.61
CA GLN F 47 -3.41 0.10 -30.41
C GLN F 47 -4.78 -0.28 -30.93
N ASP F 48 -4.93 -0.28 -32.25
CA ASP F 48 -6.19 -0.62 -32.88
C ASP F 48 -6.16 -2.09 -33.31
N VAL F 49 -7.25 -2.80 -33.09
CA VAL F 49 -7.31 -4.17 -33.56
C VAL F 49 -8.06 -4.07 -34.88
N ILE F 50 -7.48 -4.60 -35.95
CA ILE F 50 -8.10 -4.54 -37.27
C ILE F 50 -8.58 -5.90 -37.76
N VAL F 51 -9.84 -5.96 -38.18
CA VAL F 51 -10.44 -7.18 -38.70
C VAL F 51 -10.99 -6.91 -40.09
N ASP F 52 -10.54 -7.67 -41.09
CA ASP F 52 -10.99 -7.47 -42.46
C ASP F 52 -10.72 -6.04 -42.92
N GLY F 53 -9.59 -5.48 -42.50
CA GLY F 53 -9.26 -4.12 -42.91
C GLY F 53 -9.85 -2.97 -42.11
N LYS F 54 -10.72 -3.24 -41.14
CA LYS F 54 -11.29 -2.13 -40.38
C LYS F 54 -11.04 -2.18 -38.88
N VAL F 55 -10.88 -0.99 -38.29
CA VAL F 55 -10.65 -0.85 -36.86
C VAL F 55 -11.93 -1.20 -36.09
N MET F 56 -11.87 -2.25 -35.27
CA MET F 56 -13.05 -2.68 -34.51
C MET F 56 -13.05 -2.14 -33.08
N ALA F 57 -11.86 -1.83 -32.58
CA ALA F 57 -11.70 -1.35 -31.21
C ALA F 57 -10.28 -0.85 -31.06
N THR F 58 -10.00 -0.17 -29.96
CA THR F 58 -8.66 0.33 -29.72
C THR F 58 -8.36 0.42 -28.22
N ASN F 59 -7.13 0.10 -27.84
CA ASN F 59 -6.70 0.17 -26.45
C ASN F 59 -5.62 1.24 -26.31
N LEU F 60 -5.41 1.73 -25.09
CA LEU F 60 -4.39 2.73 -24.81
C LEU F 60 -3.17 1.97 -24.32
N LEU F 61 -2.01 2.24 -24.90
CA LEU F 61 -0.76 1.57 -24.53
C LEU F 61 0.16 2.41 -23.65
N SER F 62 0.11 3.73 -23.82
CA SER F 62 0.95 4.62 -23.06
C SER F 62 0.50 6.06 -23.23
N GLU F 63 0.69 6.85 -22.18
CA GLU F 63 0.28 8.24 -22.19
C GLU F 63 1.37 9.10 -21.57
N THR F 64 1.86 10.05 -22.35
CA THR F 64 2.90 10.96 -21.88
C THR F 64 2.36 12.37 -21.74
N VAL F 65 2.63 13.01 -20.61
CA VAL F 65 2.21 14.38 -20.42
C VAL F 65 3.48 15.21 -20.24
N VAL F 66 3.71 16.13 -21.18
CA VAL F 66 4.87 17.01 -21.10
C VAL F 66 4.35 18.25 -20.43
N GLU F 67 4.70 18.45 -19.16
CA GLU F 67 4.22 19.58 -18.39
C GLU F 67 4.34 20.93 -19.10
N GLY F 68 3.41 21.81 -18.79
CA GLY F 68 3.40 23.12 -19.40
C GLY F 68 3.94 24.17 -18.45
N GLN F 69 3.38 25.37 -18.56
CA GLN F 69 3.77 26.49 -17.73
C GLN F 69 2.49 27.14 -17.24
N ASN F 70 2.35 27.20 -15.93
CA ASN F 70 1.16 27.79 -15.33
C ASN F 70 1.04 29.27 -15.69
N ARG F 71 -0.18 29.76 -15.80
CA ARG F 71 -0.40 31.17 -16.03
C ARG F 71 -0.59 31.66 -14.60
N ILE F 72 0.22 32.61 -14.17
CA ILE F 72 0.08 33.10 -12.80
C ILE F 72 -0.39 34.55 -12.75
N LEU F 73 -1.43 34.79 -11.97
CA LEU F 73 -2.03 36.10 -11.85
C LEU F 73 -2.08 36.55 -10.40
N VAL F 74 -1.79 37.83 -10.15
CA VAL F 74 -1.81 38.38 -8.80
C VAL F 74 -3.12 39.17 -8.63
N LYS F 75 -3.94 38.76 -7.69
CA LYS F 75 -5.21 39.44 -7.45
C LYS F 75 -5.23 40.07 -6.06
N GLY F 76 -6.19 39.66 -5.24
CA GLY F 76 -6.31 40.18 -3.89
C GLY F 76 -6.57 41.67 -3.88
#